data_8XQY
#
_entry.id   8XQY
#
_cell.length_a   76.911
_cell.length_b   83.713
_cell.length_c   65.450
_cell.angle_alpha   90.00
_cell.angle_beta   100.20
_cell.angle_gamma   90.00
#
_symmetry.space_group_name_H-M   'C 1 2 1'
#
loop_
_entity.id
_entity.type
_entity.pdbx_description
1 polymer '4-hydroxyphenylpyruvate dioxygenase'
2 non-polymer 4-(3-methylbut-2-enyl)-6-(2-oxidanyl-6-oxidanylidene-cyclohexen-1-yl)carbonyl-1,4-benzothiazin-3-one
3 non-polymer 'COBALT (II) ION'
4 water water
#
_entity_poly.entity_id   1
_entity_poly.type   'polypeptide(L)'
_entity_poly.pdbx_seq_one_letter_code
;GSHMVRKNPKSDKFKVKRFHHIEFWCGDATNVARRFSWGLGMRFSAKSDLSTGNMVHASYLLTSGDLRFLFTAPYSPSLS
AGEIKPTTTASIPSFDHGSCRSFFSSHGLGVRAVAIEVEDAESAFSISVANGAIPSSPPIVLNEAVTIAEVKLYGDVVLR
YVSYKAEDTEKSEFLPGFERVEDASSFPLDYGIRRLDHAVGNVPELGPALTYVAGFTGFHQFAEFTADDVGTAESGLNSA
VLASNDEMVLLPINEPVHGTKRKSQIQTYLEHNEGAGLQHLALMSEDIFRTLREMRKRSSIGGFDFMPSPPPTYYQNLKK
RVGDVLSDDQIKECEELGILVDRDDQGTLLQIFTKPLGDRPTIFIEIIQRVGCMMKDEEGKAYQSGGCGGFGKGNFSELF
KSIEEYEKTLEAKQLVG
;
_entity_poly.pdbx_strand_id   A
#
loop_
_chem_comp.id
_chem_comp.type
_chem_comp.name
_chem_comp.formula
A1LWP non-polymer 4-(3-methylbut-2-enyl)-6-(2-oxidanyl-6-oxidanylidene-cyclohexen-1-yl)carbonyl-1,4-benzothiazin-3-one 'C20 H21 N O4 S'
CO non-polymer 'COBALT (II) ION' 'Co 2'
#
# COMPACT_ATOMS: atom_id res chain seq x y z
N LYS A 7 -1.01 -17.24 -19.21
CA LYS A 7 -2.46 -17.41 -19.19
C LYS A 7 -3.15 -16.44 -18.19
N ASN A 8 -4.06 -15.60 -18.69
CA ASN A 8 -4.83 -14.69 -17.84
C ASN A 8 -6.29 -15.12 -17.89
N PRO A 9 -6.73 -15.97 -16.95
CA PRO A 9 -8.10 -16.53 -17.01
C PRO A 9 -9.19 -15.52 -16.75
N LYS A 10 -8.86 -14.29 -16.35
CA LYS A 10 -9.82 -13.25 -16.01
C LYS A 10 -11.02 -13.82 -15.25
N SER A 11 -10.74 -14.39 -14.08
CA SER A 11 -11.73 -15.12 -13.32
C SER A 11 -12.28 -14.32 -12.14
N ASP A 12 -12.15 -13.00 -12.15
CA ASP A 12 -12.73 -12.19 -11.09
C ASP A 12 -14.21 -12.52 -10.93
N LYS A 13 -14.69 -12.55 -9.69
CA LYS A 13 -16.08 -12.88 -9.41
C LYS A 13 -16.97 -11.65 -9.36
N PHE A 14 -16.39 -10.46 -9.36
CA PHE A 14 -17.16 -9.23 -9.45
C PHE A 14 -16.28 -8.19 -10.10
N LYS A 15 -16.89 -7.13 -10.61
CA LYS A 15 -16.16 -6.13 -11.40
C LYS A 15 -15.36 -5.23 -10.47
N VAL A 16 -14.04 -5.36 -10.53
CA VAL A 16 -13.10 -4.55 -9.76
C VAL A 16 -12.55 -3.46 -10.68
N LYS A 17 -12.37 -2.25 -10.15
CA LYS A 17 -11.83 -1.19 -10.98
C LYS A 17 -10.38 -0.87 -10.64
N ARG A 18 -10.13 -0.03 -9.64
CA ARG A 18 -8.76 0.34 -9.29
C ARG A 18 -8.59 0.34 -7.78
N PHE A 19 -7.33 0.32 -7.37
CA PHE A 19 -7.01 0.75 -6.01
C PHE A 19 -7.65 2.10 -5.76
N HIS A 20 -8.34 2.23 -4.63
CA HIS A 20 -8.98 3.49 -4.29
C HIS A 20 -8.28 4.20 -3.16
N HIS A 21 -7.96 3.53 -2.05
CA HIS A 21 -7.22 4.22 -0.99
C HIS A 21 -6.65 3.23 0.00
N ILE A 22 -5.75 3.73 0.83
CA ILE A 22 -5.14 2.96 1.89
C ILE A 22 -5.43 3.70 3.18
N GLU A 23 -5.92 2.98 4.18
CA GLU A 23 -6.25 3.62 5.45
C GLU A 23 -5.34 3.12 6.54
N PHE A 24 -4.60 4.04 7.14
CA PHE A 24 -3.74 3.76 8.28
C PHE A 24 -4.54 3.93 9.57
N TRP A 25 -4.36 3.02 10.51
CA TRP A 25 -4.97 3.17 11.82
C TRP A 25 -3.87 3.64 12.75
N CYS A 26 -4.07 4.79 13.39
CA CYS A 26 -3.06 5.56 14.09
C CYS A 26 -3.37 5.64 15.58
N GLY A 27 -2.37 6.02 16.36
CA GLY A 27 -2.62 6.51 17.69
C GLY A 27 -3.05 7.95 17.61
N ASP A 28 -2.33 8.73 16.79
CA ASP A 28 -2.63 10.14 16.60
C ASP A 28 -2.58 10.40 15.09
N ALA A 29 -3.74 10.72 14.49
CA ALA A 29 -3.79 10.78 13.03
C ALA A 29 -3.06 12.01 12.51
N THR A 30 -3.20 13.12 13.24
CA THR A 30 -2.55 14.37 12.88
C THR A 30 -1.07 14.20 12.60
N ASN A 31 -0.33 13.62 13.55
CA ASN A 31 1.13 13.64 13.44
C ASN A 31 1.63 12.71 12.36
N VAL A 32 1.01 11.53 12.22
CA VAL A 32 1.37 10.67 11.08
C VAL A 32 1.04 11.35 9.76
N ALA A 33 -0.14 12.00 9.69
CA ALA A 33 -0.55 12.64 8.45
C ALA A 33 0.40 13.77 8.06
N ARG A 34 0.82 14.58 9.05
CA ARG A 34 1.75 15.67 8.76
C ARG A 34 3.12 15.12 8.34
N ARG A 35 3.63 14.12 9.04
CA ARG A 35 4.90 13.49 8.66
C ARG A 35 4.82 12.90 7.24
N PHE A 36 3.77 12.14 6.94
CA PHE A 36 3.68 11.50 5.63
C PHE A 36 3.56 12.53 4.53
N SER A 37 2.83 13.61 4.80
CA SER A 37 2.66 14.67 3.82
C SER A 37 3.99 15.27 3.41
N TRP A 38 4.78 15.70 4.41
CA TRP A 38 6.07 16.29 4.13
C TRP A 38 7.01 15.30 3.49
N GLY A 39 6.98 14.05 3.93
CA GLY A 39 8.00 13.11 3.50
C GLY A 39 7.75 12.47 2.15
N LEU A 40 6.49 12.42 1.71
CA LEU A 40 6.13 11.85 0.42
C LEU A 40 5.60 12.88 -0.55
N GLY A 41 5.45 14.14 -0.12
CA GLY A 41 4.90 15.16 -0.99
C GLY A 41 3.48 14.82 -1.39
N MET A 42 2.68 14.47 -0.40
CA MET A 42 1.25 14.27 -0.57
C MET A 42 0.50 15.45 0.04
N ARG A 43 -0.67 15.72 -0.52
CA ARG A 43 -1.41 16.95 -0.30
C ARG A 43 -2.54 16.70 0.68
N PHE A 44 -2.77 17.66 1.58
CA PHE A 44 -3.86 17.57 2.56
C PHE A 44 -5.15 17.92 1.83
N SER A 45 -5.96 16.90 1.48
CA SER A 45 -7.11 17.17 0.63
C SER A 45 -8.47 17.01 1.29
N ALA A 46 -8.59 16.23 2.35
CA ALA A 46 -9.90 16.08 2.98
C ALA A 46 -9.73 15.70 4.45
N LYS A 47 -10.77 16.00 5.22
CA LYS A 47 -10.77 15.67 6.64
C LYS A 47 -12.17 15.27 7.08
N SER A 48 -12.21 14.39 8.07
CA SER A 48 -13.39 14.14 8.88
C SER A 48 -12.92 14.12 10.34
N ASP A 49 -13.42 15.05 11.15
CA ASP A 49 -12.97 15.11 12.54
C ASP A 49 -13.94 15.96 13.36
N LEU A 50 -13.48 16.45 14.51
CA LEU A 50 -14.32 17.29 15.35
C LEU A 50 -14.86 18.50 14.61
N SER A 51 -14.03 19.13 13.77
CA SER A 51 -14.44 20.37 13.11
C SER A 51 -15.51 20.12 12.07
N THR A 52 -15.67 18.89 11.60
CA THR A 52 -16.77 18.53 10.71
C THR A 52 -17.86 17.75 11.42
N GLY A 53 -17.79 17.62 12.74
CA GLY A 53 -18.87 17.02 13.48
C GLY A 53 -18.72 15.55 13.73
N ASN A 54 -17.59 14.95 13.35
CA ASN A 54 -17.30 13.58 13.72
C ASN A 54 -16.76 13.59 15.15
N MET A 55 -17.54 13.03 16.08
CA MET A 55 -17.17 12.86 17.49
C MET A 55 -16.52 11.53 17.77
N VAL A 56 -16.37 10.69 16.76
CA VAL A 56 -15.95 9.31 16.92
C VAL A 56 -14.49 9.13 16.55
N HIS A 57 -14.12 9.48 15.32
CA HIS A 57 -12.75 9.29 14.86
C HIS A 57 -12.23 10.56 14.21
N ALA A 58 -10.91 10.64 14.15
CA ALA A 58 -10.22 11.67 13.40
C ALA A 58 -9.60 11.04 12.18
N SER A 59 -9.93 11.56 10.99
CA SER A 59 -9.47 10.99 9.73
C SER A 59 -9.05 12.10 8.81
N TYR A 60 -7.82 11.99 8.26
CA TYR A 60 -7.24 12.99 7.38
C TYR A 60 -6.74 12.31 6.12
N LEU A 61 -7.16 12.82 4.96
CA LEU A 61 -6.82 12.22 3.68
C LEU A 61 -5.72 13.03 3.00
N LEU A 62 -4.66 12.33 2.58
CA LEU A 62 -3.59 12.90 1.78
C LEU A 62 -3.72 12.35 0.36
N THR A 63 -3.37 13.18 -0.63
CA THR A 63 -3.49 12.79 -2.02
C THR A 63 -2.25 13.17 -2.80
N SER A 64 -1.81 12.26 -3.66
CA SER A 64 -0.83 12.57 -4.68
C SER A 64 -1.19 11.80 -5.94
N GLY A 65 -1.54 12.50 -7.01
CA GLY A 65 -2.06 11.79 -8.18
C GLY A 65 -3.32 11.02 -7.81
N ASP A 66 -3.36 9.74 -8.15
CA ASP A 66 -4.49 8.90 -7.79
C ASP A 66 -4.33 8.25 -6.42
N LEU A 67 -3.15 8.40 -5.80
CA LEU A 67 -2.88 7.76 -4.51
C LEU A 67 -3.59 8.52 -3.40
N ARG A 68 -4.38 7.79 -2.61
CA ARG A 68 -5.06 8.34 -1.46
C ARG A 68 -4.59 7.60 -0.21
N PHE A 69 -3.92 8.30 0.70
CA PHE A 69 -3.58 7.80 2.03
C PHE A 69 -4.51 8.40 3.07
N LEU A 70 -5.25 7.56 3.78
CA LEU A 70 -6.16 7.98 4.83
C LEU A 70 -5.58 7.61 6.19
N PHE A 71 -5.60 8.55 7.13
CA PHE A 71 -5.01 8.38 8.45
C PHE A 71 -6.12 8.57 9.48
N THR A 72 -6.36 7.57 10.31
CA THR A 72 -7.49 7.56 11.23
C THR A 72 -7.05 7.16 12.64
N ALA A 73 -7.67 7.79 13.63
CA ALA A 73 -7.42 7.49 15.02
C ALA A 73 -8.71 7.72 15.78
N PRO A 74 -8.95 7.01 16.89
CA PRO A 74 -10.15 7.25 17.68
C PRO A 74 -9.98 8.40 18.65
N TYR A 75 -11.04 9.20 18.78
CA TYR A 75 -11.20 10.11 19.89
C TYR A 75 -11.54 9.33 21.16
N SER A 76 -11.80 10.06 22.24
CA SER A 76 -12.25 9.42 23.48
C SER A 76 -13.69 8.94 23.33
N PRO A 77 -14.01 7.70 23.72
CA PRO A 77 -15.40 7.26 23.59
C PRO A 77 -16.36 8.17 24.30
N SER A 78 -15.92 8.85 25.37
CA SER A 78 -16.81 9.75 26.10
C SER A 78 -17.40 10.83 25.21
N LEU A 79 -16.84 11.06 24.03
CA LEU A 79 -17.44 12.04 23.14
C LEU A 79 -18.64 11.48 22.38
N SER A 80 -18.75 10.16 22.27
CA SER A 80 -19.82 9.55 21.47
C SER A 80 -20.51 8.42 22.21
N ALA A 81 -20.36 8.36 23.53
CA ALA A 81 -20.99 7.28 24.28
C ALA A 81 -22.50 7.32 24.18
N GLY A 82 -23.08 8.49 23.90
CA GLY A 82 -24.51 8.58 23.73
C GLY A 82 -25.02 8.05 22.41
N GLU A 83 -24.18 8.09 21.37
CA GLU A 83 -24.65 7.68 20.06
C GLU A 83 -24.85 6.16 19.99
N ILE A 84 -25.65 5.73 19.03
CA ILE A 84 -25.70 4.34 18.61
C ILE A 84 -25.44 4.32 17.12
N LYS A 85 -25.16 3.13 16.59
CA LYS A 85 -24.84 3.04 15.16
C LYS A 85 -25.85 3.77 14.27
N PRO A 86 -27.17 3.63 14.45
CA PRO A 86 -28.11 4.47 13.70
C PRO A 86 -27.88 5.99 13.80
N THR A 87 -27.31 6.49 14.91
CA THR A 87 -27.16 7.93 15.11
C THR A 87 -25.70 8.38 15.02
N THR A 88 -24.80 7.51 14.61
CA THR A 88 -23.37 7.76 14.75
C THR A 88 -22.97 9.05 14.03
N THR A 89 -21.99 9.78 14.59
CA THR A 89 -21.36 10.85 13.82
C THR A 89 -20.11 10.38 13.09
N ALA A 90 -19.78 9.08 13.13
CA ALA A 90 -18.65 8.60 12.38
C ALA A 90 -18.92 8.72 10.88
N SER A 91 -17.91 9.17 10.13
CA SER A 91 -18.04 9.19 8.67
C SER A 91 -17.74 7.84 8.03
N ILE A 92 -17.01 6.98 8.73
CA ILE A 92 -16.67 5.65 8.23
C ILE A 92 -17.39 4.63 9.13
N PRO A 93 -18.43 3.97 8.62
CA PRO A 93 -19.28 3.15 9.52
C PRO A 93 -18.59 1.91 10.07
N SER A 94 -17.57 1.39 9.40
CA SER A 94 -16.87 0.24 9.95
C SER A 94 -16.01 0.61 11.17
N PHE A 95 -15.80 1.88 11.45
CA PHE A 95 -14.91 2.27 12.53
C PHE A 95 -15.43 1.79 13.87
N ASP A 96 -14.50 1.41 14.74
CA ASP A 96 -14.86 0.98 16.08
C ASP A 96 -13.73 1.33 17.02
N HIS A 97 -14.02 2.09 18.10
CA HIS A 97 -12.96 2.49 19.03
C HIS A 97 -12.16 1.29 19.49
N GLY A 98 -12.86 0.23 19.90
CA GLY A 98 -12.18 -0.92 20.47
C GLY A 98 -11.33 -1.64 19.47
N SER A 99 -11.85 -1.81 18.25
CA SER A 99 -11.08 -2.43 17.17
C SER A 99 -9.85 -1.60 16.82
N CYS A 100 -10.01 -0.29 16.71
CA CYS A 100 -8.87 0.55 16.35
C CYS A 100 -7.82 0.54 17.47
N ARG A 101 -8.26 0.69 18.72
CA ARG A 101 -7.30 0.66 19.82
C ARG A 101 -6.64 -0.71 19.93
N SER A 102 -7.42 -1.79 19.80
CA SER A 102 -6.85 -3.12 19.82
C SER A 102 -5.86 -3.32 18.67
N PHE A 103 -6.29 -3.04 17.44
CA PHE A 103 -5.40 -3.13 16.29
C PHE A 103 -4.07 -2.43 16.54
N PHE A 104 -4.15 -1.15 16.88
CA PHE A 104 -2.93 -0.34 17.01
C PHE A 104 -2.06 -0.81 18.16
N SER A 105 -2.64 -1.08 19.32
CA SER A 105 -1.78 -1.51 20.39
C SER A 105 -1.18 -2.88 20.10
N SER A 106 -1.75 -3.63 19.18
CA SER A 106 -1.22 -4.94 18.82
C SER A 106 -0.12 -4.86 17.76
N HIS A 107 -0.34 -4.09 16.69
CA HIS A 107 0.56 -4.08 15.56
C HIS A 107 1.41 -2.82 15.45
N GLY A 108 1.10 -1.79 16.23
CA GLY A 108 1.69 -0.51 16.03
C GLY A 108 1.09 0.09 14.77
N LEU A 109 1.65 1.22 14.37
CA LEU A 109 1.23 1.89 13.15
C LEU A 109 1.31 0.96 11.95
N GLY A 110 0.18 0.83 11.26
CA GLY A 110 0.18 0.15 9.98
C GLY A 110 -1.18 0.25 9.30
N VAL A 111 -1.31 -0.50 8.21
CA VAL A 111 -2.46 -0.38 7.32
C VAL A 111 -3.61 -1.22 7.85
N ARG A 112 -4.74 -0.58 8.09
CA ARG A 112 -5.94 -1.32 8.43
C ARG A 112 -6.71 -1.78 7.19
N ALA A 113 -6.78 -0.95 6.15
CA ALA A 113 -7.64 -1.22 5.00
C ALA A 113 -6.90 -1.02 3.70
N VAL A 114 -6.90 -2.04 2.85
CA VAL A 114 -6.59 -1.91 1.44
C VAL A 114 -7.92 -1.76 0.71
N ALA A 115 -8.14 -0.62 0.09
CA ALA A 115 -9.45 -0.27 -0.43
C ALA A 115 -9.40 -0.23 -1.95
N ILE A 116 -10.31 -0.94 -2.60
CA ILE A 116 -10.44 -0.97 -4.05
C ILE A 116 -11.83 -0.48 -4.45
N GLU A 117 -11.89 0.19 -5.59
CA GLU A 117 -13.18 0.59 -6.13
C GLU A 117 -13.76 -0.55 -6.94
N VAL A 118 -15.06 -0.79 -6.78
CA VAL A 118 -15.76 -1.86 -7.47
C VAL A 118 -16.99 -1.27 -8.10
N GLU A 119 -17.59 -2.01 -9.04
CA GLU A 119 -18.86 -1.56 -9.61
C GLU A 119 -19.93 -1.47 -8.54
N ASP A 120 -20.00 -2.47 -7.65
CA ASP A 120 -21.08 -2.55 -6.67
C ASP A 120 -20.51 -3.17 -5.41
N ALA A 121 -20.26 -2.34 -4.39
CA ALA A 121 -19.71 -2.85 -3.13
C ALA A 121 -20.57 -3.95 -2.54
N GLU A 122 -21.90 -3.77 -2.56
CA GLU A 122 -22.80 -4.78 -1.97
C GLU A 122 -22.71 -6.11 -2.69
N SER A 123 -22.83 -6.12 -4.03
CA SER A 123 -22.65 -7.36 -4.78
C SER A 123 -21.29 -7.96 -4.48
N ALA A 124 -20.25 -7.12 -4.48
CA ALA A 124 -18.90 -7.61 -4.22
C ALA A 124 -18.80 -8.23 -2.83
N PHE A 125 -19.37 -7.58 -1.81
CA PHE A 125 -19.37 -8.20 -0.48
C PHE A 125 -20.15 -9.50 -0.50
N SER A 126 -21.39 -9.47 -1.00
CA SER A 126 -22.21 -10.68 -1.01
C SER A 126 -21.51 -11.82 -1.73
N ILE A 127 -21.08 -11.58 -2.97
CA ILE A 127 -20.35 -12.60 -3.73
C ILE A 127 -19.13 -13.10 -2.97
N SER A 128 -18.35 -12.17 -2.39
CA SER A 128 -17.17 -12.55 -1.61
C SER A 128 -17.52 -13.47 -0.46
N VAL A 129 -18.51 -13.09 0.35
CA VAL A 129 -18.86 -13.92 1.49
C VAL A 129 -19.32 -15.30 1.03
N ALA A 130 -20.19 -15.34 -0.01
CA ALA A 130 -20.62 -16.60 -0.59
C ALA A 130 -19.47 -17.44 -1.12
N ASN A 131 -18.32 -16.82 -1.39
CA ASN A 131 -17.16 -17.59 -1.80
C ASN A 131 -16.09 -17.64 -0.70
N GLY A 132 -16.49 -17.49 0.57
CA GLY A 132 -15.64 -17.82 1.70
C GLY A 132 -15.04 -16.64 2.44
N ALA A 133 -15.16 -15.41 1.93
CA ALA A 133 -14.63 -14.26 2.65
C ALA A 133 -15.20 -14.18 4.06
N ILE A 134 -14.36 -13.79 5.01
CA ILE A 134 -14.86 -13.51 6.35
C ILE A 134 -15.43 -12.10 6.34
N PRO A 135 -16.71 -11.91 6.67
CA PRO A 135 -17.25 -10.55 6.74
C PRO A 135 -16.65 -9.79 7.90
N SER A 136 -16.35 -8.51 7.68
CA SER A 136 -15.88 -7.61 8.71
C SER A 136 -16.85 -6.45 8.94
N SER A 137 -17.25 -5.75 7.88
CA SER A 137 -18.30 -4.74 7.99
C SER A 137 -19.26 -4.95 6.83
N PRO A 138 -20.57 -5.00 7.09
CA PRO A 138 -21.54 -5.23 6.02
C PRO A 138 -21.59 -4.06 5.06
N PRO A 139 -22.26 -4.20 3.91
CA PRO A 139 -22.47 -3.04 3.02
C PRO A 139 -23.30 -1.97 3.69
N ILE A 140 -22.77 -0.75 3.75
CA ILE A 140 -23.52 0.40 4.23
C ILE A 140 -23.49 1.46 3.15
N VAL A 141 -24.63 2.11 2.92
CA VAL A 141 -24.74 3.14 1.90
C VAL A 141 -24.70 4.50 2.59
N LEU A 142 -23.83 5.37 2.09
CA LEU A 142 -23.55 6.66 2.71
C LEU A 142 -24.18 7.75 1.85
N ASN A 143 -25.20 8.41 2.40
CA ASN A 143 -25.83 9.58 1.80
C ASN A 143 -26.33 9.29 0.38
N GLU A 144 -26.92 8.11 0.20
CA GLU A 144 -27.49 7.70 -1.08
C GLU A 144 -26.47 7.79 -2.22
N ALA A 145 -25.18 7.77 -1.90
CA ALA A 145 -24.14 8.10 -2.85
C ALA A 145 -23.01 7.09 -2.93
N VAL A 146 -22.62 6.49 -1.80
CA VAL A 146 -21.45 5.61 -1.76
C VAL A 146 -21.79 4.39 -0.94
N THR A 147 -21.40 3.23 -1.45
CA THR A 147 -21.49 2.00 -0.68
C THR A 147 -20.09 1.52 -0.33
N ILE A 148 -19.93 1.08 0.91
CA ILE A 148 -18.66 0.62 1.44
C ILE A 148 -18.90 -0.67 2.22
N ALA A 149 -18.03 -1.66 2.01
CA ALA A 149 -18.15 -2.91 2.74
C ALA A 149 -16.75 -3.46 2.92
N GLU A 150 -16.59 -4.32 3.93
CA GLU A 150 -15.27 -4.82 4.28
C GLU A 150 -15.30 -6.32 4.52
N VAL A 151 -14.25 -7.02 4.06
CA VAL A 151 -14.02 -8.42 4.39
C VAL A 151 -12.58 -8.56 4.87
N LYS A 152 -12.29 -9.68 5.55
CA LYS A 152 -10.94 -9.89 6.04
C LYS A 152 -10.00 -10.31 4.91
N LEU A 153 -8.83 -9.69 4.85
CA LEU A 153 -7.83 -10.02 3.85
C LEU A 153 -6.76 -10.94 4.42
N TYR A 154 -6.08 -10.49 5.47
CA TYR A 154 -5.11 -11.28 6.22
C TYR A 154 -4.74 -10.52 7.48
N GLY A 155 -4.53 -11.26 8.58
CA GLY A 155 -4.31 -10.60 9.86
C GLY A 155 -5.54 -9.76 10.21
N ASP A 156 -5.30 -8.55 10.70
CA ASP A 156 -6.40 -7.62 10.95
C ASP A 156 -6.54 -6.60 9.83
N VAL A 157 -6.02 -6.91 8.67
CA VAL A 157 -6.15 -6.07 7.50
C VAL A 157 -7.42 -6.50 6.77
N VAL A 158 -8.27 -5.54 6.46
CA VAL A 158 -9.48 -5.81 5.70
C VAL A 158 -9.29 -5.30 4.28
N LEU A 159 -9.91 -6.02 3.35
CA LEU A 159 -10.12 -5.55 1.98
C LEU A 159 -11.41 -4.77 1.95
N ARG A 160 -11.33 -3.48 1.65
CA ARG A 160 -12.50 -2.60 1.66
C ARG A 160 -12.98 -2.36 0.22
N TYR A 161 -14.25 -2.70 -0.04
CA TYR A 161 -14.86 -2.44 -1.34
C TYR A 161 -15.59 -1.10 -1.29
N VAL A 162 -15.42 -0.31 -2.35
CA VAL A 162 -16.00 1.03 -2.43
C VAL A 162 -16.64 1.19 -3.81
N SER A 163 -17.89 1.68 -3.85
CA SER A 163 -18.57 1.91 -5.13
C SER A 163 -19.37 3.20 -5.05
N TYR A 164 -19.51 3.87 -6.20
CA TYR A 164 -20.18 5.17 -6.28
C TYR A 164 -21.32 5.15 -7.29
N LYS A 165 -22.44 5.80 -6.94
CA LYS A 165 -23.52 6.00 -7.89
C LYS A 165 -23.00 6.73 -9.13
N ALA A 166 -22.61 7.98 -8.96
CA ALA A 166 -22.00 8.73 -10.04
C ALA A 166 -20.49 8.76 -9.87
N GLU A 173 -16.39 14.00 -2.66
CA GLU A 173 -15.30 13.48 -3.50
C GLU A 173 -14.81 12.14 -2.94
N PHE A 174 -14.17 12.19 -1.77
CA PHE A 174 -13.74 10.94 -1.16
C PHE A 174 -14.96 10.24 -0.57
N LEU A 175 -15.48 10.74 0.53
CA LEU A 175 -16.65 10.13 1.16
C LEU A 175 -17.59 11.21 1.69
N PRO A 176 -18.89 10.92 1.74
CA PRO A 176 -19.80 11.80 2.49
C PRO A 176 -19.30 11.93 3.90
N GLY A 177 -19.55 13.09 4.49
CA GLY A 177 -19.03 13.38 5.82
C GLY A 177 -17.61 13.88 5.85
N PHE A 178 -16.87 13.74 4.75
CA PHE A 178 -15.56 14.36 4.61
C PHE A 178 -15.69 15.74 3.98
N GLU A 179 -14.87 16.66 4.44
CA GLU A 179 -14.77 17.98 3.84
C GLU A 179 -13.52 18.10 3.00
N ARG A 180 -13.62 18.85 1.91
CA ARG A 180 -12.42 19.33 1.25
C ARG A 180 -11.77 20.43 2.08
N VAL A 181 -10.46 20.39 2.20
CA VAL A 181 -9.76 21.50 2.82
C VAL A 181 -9.45 22.52 1.73
N GLU A 182 -9.68 23.78 2.05
CA GLU A 182 -9.48 24.86 1.09
C GLU A 182 -8.01 25.15 0.89
N ASP A 183 -7.66 25.61 -0.30
CA ASP A 183 -6.27 25.90 -0.65
C ASP A 183 -5.78 27.07 0.20
N ALA A 184 -5.15 26.74 1.32
CA ALA A 184 -4.44 27.65 2.20
C ALA A 184 -3.88 26.77 3.31
N SER A 185 -4.74 25.92 3.86
CA SER A 185 -4.29 24.81 4.68
C SER A 185 -3.75 23.67 3.84
N SER A 186 -4.01 23.67 2.53
CA SER A 186 -3.58 22.61 1.62
C SER A 186 -2.45 23.14 0.75
N PHE A 187 -1.22 22.90 1.18
CA PHE A 187 -0.06 23.23 0.38
C PHE A 187 0.10 22.24 -0.75
N PRO A 188 0.18 22.71 -2.02
CA PRO A 188 0.14 21.77 -3.15
C PRO A 188 1.43 21.00 -3.32
N LEU A 189 1.85 20.29 -2.28
CA LEU A 189 3.06 19.46 -2.37
C LEU A 189 2.86 18.35 -3.38
N ASP A 190 3.96 17.95 -4.01
CA ASP A 190 3.95 16.98 -5.11
C ASP A 190 5.36 16.59 -5.45
N TYR A 191 5.78 15.35 -5.14
CA TYR A 191 7.10 14.90 -5.55
C TYR A 191 7.03 13.93 -6.72
N GLY A 192 5.89 13.80 -7.37
CA GLY A 192 5.75 12.96 -8.55
C GLY A 192 5.06 11.62 -8.35
N ILE A 193 4.55 11.32 -7.14
CA ILE A 193 3.88 10.05 -6.90
C ILE A 193 2.44 10.14 -7.39
N ARG A 194 1.98 9.09 -8.09
CA ARG A 194 0.75 9.21 -8.87
C ARG A 194 -0.31 8.15 -8.58
N ARG A 195 0.07 6.96 -8.14
CA ARG A 195 -0.95 5.96 -7.88
C ARG A 195 -0.34 4.81 -7.09
N LEU A 196 -1.21 3.96 -6.55
CA LEU A 196 -0.77 2.79 -5.80
C LEU A 196 -0.55 1.63 -6.76
N ASP A 197 0.65 1.07 -6.74
CA ASP A 197 0.93 0.03 -7.73
C ASP A 197 0.58 -1.35 -7.21
N HIS A 198 0.95 -1.66 -5.98
CA HIS A 198 0.58 -2.92 -5.36
C HIS A 198 0.79 -2.83 -3.85
N ALA A 199 0.05 -3.67 -3.13
CA ALA A 199 0.12 -3.75 -1.68
C ALA A 199 0.44 -5.18 -1.30
N VAL A 200 1.46 -5.37 -0.45
CA VAL A 200 2.03 -6.68 -0.19
C VAL A 200 1.77 -7.09 1.26
N GLY A 201 1.32 -8.33 1.44
CA GLY A 201 1.00 -8.85 2.76
C GLY A 201 2.00 -9.90 3.19
N ASN A 202 2.36 -9.87 4.48
CA ASN A 202 3.20 -10.90 5.06
C ASN A 202 2.31 -11.83 5.87
N VAL A 203 2.52 -13.14 5.71
CA VAL A 203 1.61 -14.14 6.25
C VAL A 203 2.42 -15.33 6.75
N PRO A 204 1.91 -16.05 7.77
CA PRO A 204 2.67 -17.22 8.26
C PRO A 204 2.73 -18.36 7.26
N GLU A 205 1.65 -18.60 6.49
CA GLU A 205 1.62 -19.67 5.50
C GLU A 205 1.02 -19.13 4.20
N LEU A 206 1.76 -19.23 3.10
CA LEU A 206 1.29 -18.70 1.83
C LEU A 206 0.09 -19.48 1.28
N GLY A 207 0.23 -20.81 1.20
CA GLY A 207 -0.81 -21.69 0.67
C GLY A 207 -2.21 -21.29 1.08
N PRO A 208 -2.52 -21.40 2.37
CA PRO A 208 -3.88 -21.08 2.82
C PRO A 208 -4.26 -19.63 2.61
N ALA A 209 -3.32 -18.70 2.77
CA ALA A 209 -3.61 -17.29 2.52
C ALA A 209 -4.02 -17.07 1.07
N LEU A 210 -3.25 -17.61 0.13
CA LEU A 210 -3.62 -17.56 -1.28
C LEU A 210 -4.99 -18.16 -1.53
N THR A 211 -5.20 -19.40 -1.07
CA THR A 211 -6.45 -20.10 -1.32
C THR A 211 -7.65 -19.31 -0.80
N TYR A 212 -7.46 -18.56 0.29
CA TYR A 212 -8.56 -17.80 0.86
C TYR A 212 -8.89 -16.59 -0.01
N VAL A 213 -7.87 -15.84 -0.43
CA VAL A 213 -8.12 -14.58 -1.12
C VAL A 213 -8.52 -14.82 -2.57
N ALA A 214 -7.81 -15.72 -3.25
CA ALA A 214 -8.21 -16.04 -4.61
C ALA A 214 -9.54 -16.76 -4.62
N GLY A 215 -9.90 -17.36 -3.49
CA GLY A 215 -11.14 -18.10 -3.43
C GLY A 215 -12.34 -17.17 -3.47
N PHE A 216 -12.31 -16.11 -2.65
CA PHE A 216 -13.48 -15.23 -2.62
C PHE A 216 -13.44 -14.12 -3.67
N THR A 217 -12.27 -13.80 -4.23
CA THR A 217 -12.16 -12.72 -5.20
C THR A 217 -12.26 -13.21 -6.63
N GLY A 218 -11.69 -14.36 -6.92
CA GLY A 218 -11.49 -14.76 -8.28
C GLY A 218 -10.20 -14.25 -8.88
N PHE A 219 -9.38 -13.56 -8.10
CA PHE A 219 -8.09 -13.08 -8.62
C PHE A 219 -7.23 -14.27 -9.01
N HIS A 220 -6.47 -14.10 -10.08
CA HIS A 220 -5.58 -15.13 -10.59
C HIS A 220 -4.15 -14.83 -10.19
N GLN A 221 -3.34 -15.88 -10.14
CA GLN A 221 -1.93 -15.76 -9.83
C GLN A 221 -1.19 -15.13 -11.01
N PHE A 222 -0.51 -14.02 -10.76
CA PHE A 222 0.16 -13.24 -11.79
C PHE A 222 1.43 -13.96 -12.26
N SER A 235 16.17 -14.11 -1.01
CA SER A 235 16.22 -15.23 -0.08
C SER A 235 15.44 -14.94 1.20
N GLY A 236 14.89 -15.99 1.80
CA GLY A 236 14.12 -15.85 3.01
C GLY A 236 12.62 -15.70 2.84
N LEU A 237 12.08 -16.05 1.68
CA LEU A 237 10.65 -15.92 1.45
C LEU A 237 10.26 -16.73 0.22
N ASN A 238 9.00 -17.15 0.17
CA ASN A 238 8.33 -17.46 -1.08
C ASN A 238 7.17 -16.50 -1.22
N SER A 239 6.80 -16.21 -2.45
CA SER A 239 5.84 -15.16 -2.72
C SER A 239 5.06 -15.46 -3.99
N ALA A 240 3.77 -15.22 -3.94
CA ALA A 240 2.92 -15.25 -5.12
C ALA A 240 2.07 -13.99 -5.14
N VAL A 241 1.58 -13.63 -6.32
CA VAL A 241 0.92 -12.37 -6.57
C VAL A 241 -0.47 -12.64 -7.15
N LEU A 242 -1.49 -12.12 -6.49
CA LEU A 242 -2.87 -12.22 -6.97
C LEU A 242 -3.24 -10.96 -7.72
N ALA A 243 -4.03 -11.09 -8.80
CA ALA A 243 -4.30 -9.97 -9.69
C ALA A 243 -5.74 -10.03 -10.20
N SER A 244 -6.34 -8.84 -10.39
CA SER A 244 -7.66 -8.73 -10.97
C SER A 244 -7.59 -8.93 -12.49
N ASN A 245 -8.75 -8.84 -13.14
CA ASN A 245 -8.85 -9.24 -14.55
C ASN A 245 -7.87 -8.45 -15.42
N ASP A 246 -7.95 -7.11 -15.34
CA ASP A 246 -7.00 -6.26 -16.05
C ASP A 246 -5.64 -6.12 -15.34
N GLU A 247 -5.45 -6.80 -14.20
CA GLU A 247 -4.18 -6.83 -13.46
C GLU A 247 -3.73 -5.44 -12.99
N MET A 248 -4.71 -4.57 -12.67
CA MET A 248 -4.45 -3.27 -12.06
C MET A 248 -4.56 -3.30 -10.54
N VAL A 249 -5.21 -4.31 -10.00
CA VAL A 249 -5.19 -4.58 -8.56
C VAL A 249 -4.23 -5.74 -8.36
N LEU A 250 -3.05 -5.46 -7.81
CA LEU A 250 -2.03 -6.46 -7.57
C LEU A 250 -1.82 -6.61 -6.07
N LEU A 251 -1.95 -7.85 -5.58
CA LEU A 251 -1.87 -8.14 -4.14
C LEU A 251 -0.86 -9.26 -3.93
N PRO A 252 0.43 -8.94 -3.87
CA PRO A 252 1.40 -9.98 -3.53
C PRO A 252 1.27 -10.37 -2.06
N ILE A 253 1.77 -11.57 -1.74
CA ILE A 253 1.67 -12.15 -0.41
C ILE A 253 2.93 -12.96 -0.16
N ASN A 254 3.60 -12.70 0.97
CA ASN A 254 4.82 -13.40 1.31
C ASN A 254 4.60 -14.34 2.49
N GLU A 255 5.41 -15.39 2.52
CA GLU A 255 5.55 -16.29 3.65
C GLU A 255 7.03 -16.43 3.94
N PRO A 256 7.39 -16.75 5.18
CA PRO A 256 8.81 -16.91 5.50
C PRO A 256 9.33 -18.27 5.08
N VAL A 257 10.58 -18.28 4.65
CA VAL A 257 11.30 -19.52 4.36
C VAL A 257 12.18 -19.75 5.59
N HIS A 258 11.79 -20.71 6.41
CA HIS A 258 12.49 -20.96 7.65
C HIS A 258 13.72 -21.83 7.42
N GLY A 259 14.64 -21.77 8.38
CA GLY A 259 15.78 -22.66 8.41
C GLY A 259 17.02 -22.16 7.71
N THR A 260 16.97 -20.97 7.11
CA THR A 260 18.08 -20.54 6.28
C THR A 260 19.13 -19.76 7.10
N LYS A 261 20.19 -19.33 6.42
CA LYS A 261 21.32 -18.67 7.06
C LYS A 261 20.89 -17.41 7.79
N ARG A 262 20.71 -16.31 7.06
CA ARG A 262 20.17 -15.11 7.66
C ARG A 262 18.69 -15.32 8.00
N LYS A 263 18.25 -14.73 9.10
CA LYS A 263 16.86 -14.85 9.51
C LYS A 263 15.96 -14.24 8.46
N SER A 264 14.82 -14.87 8.24
CA SER A 264 13.90 -14.38 7.23
C SER A 264 13.32 -13.04 7.65
N GLN A 265 13.44 -12.04 6.77
CA GLN A 265 12.83 -10.75 7.05
C GLN A 265 11.31 -10.85 7.18
N ILE A 266 10.69 -11.87 6.58
CA ILE A 266 9.24 -12.06 6.74
C ILE A 266 8.91 -12.50 8.16
N GLN A 267 9.67 -13.46 8.69
CA GLN A 267 9.44 -13.88 10.07
C GLN A 267 9.72 -12.75 11.05
N THR A 268 10.79 -11.98 10.82
CA THR A 268 11.03 -10.80 11.64
C THR A 268 9.80 -9.91 11.66
N TYR A 269 9.17 -9.72 10.50
CA TYR A 269 7.94 -8.93 10.42
C TYR A 269 6.88 -9.51 11.34
N LEU A 270 6.62 -10.82 11.22
CA LEU A 270 5.54 -11.46 11.97
C LEU A 270 5.76 -11.37 13.47
N GLU A 271 7.02 -11.37 13.91
CA GLU A 271 7.31 -11.30 15.33
C GLU A 271 7.14 -9.90 15.88
N HIS A 272 7.58 -8.88 15.13
CA HIS A 272 7.45 -7.50 15.60
C HIS A 272 6.05 -6.94 15.36
N ASN A 273 5.33 -7.47 14.37
CA ASN A 273 3.99 -7.03 14.05
C ASN A 273 2.91 -7.74 14.85
N GLU A 274 3.27 -8.82 15.56
CA GLU A 274 2.29 -9.67 16.24
C GLU A 274 1.35 -10.32 15.22
N GLY A 275 1.94 -10.90 14.18
CA GLY A 275 1.19 -11.69 13.24
C GLY A 275 1.09 -11.04 11.88
N ALA A 276 0.21 -11.61 11.06
CA ALA A 276 0.08 -11.23 9.67
C ALA A 276 -0.31 -9.77 9.51
N GLY A 277 0.10 -9.16 8.40
CA GLY A 277 -0.27 -7.79 8.12
C GLY A 277 0.34 -7.33 6.82
N LEU A 278 -0.02 -6.11 6.41
CA LEU A 278 0.53 -5.51 5.22
C LEU A 278 2.01 -5.15 5.43
N GLN A 279 2.87 -5.64 4.53
CA GLN A 279 4.30 -5.38 4.60
C GLN A 279 4.69 -4.07 3.91
N HIS A 280 4.28 -3.86 2.67
CA HIS A 280 4.67 -2.62 2.00
C HIS A 280 3.68 -2.21 0.92
N LEU A 281 3.66 -0.91 0.67
CA LEU A 281 2.89 -0.28 -0.37
C LEU A 281 3.87 0.15 -1.45
N ALA A 282 3.64 -0.29 -2.69
CA ALA A 282 4.44 0.21 -3.80
C ALA A 282 3.72 1.36 -4.49
N LEU A 283 4.37 2.50 -4.51
CA LEU A 283 3.80 3.73 -5.02
C LEU A 283 4.47 4.01 -6.37
N MET A 284 3.66 4.10 -7.43
CA MET A 284 4.21 4.45 -8.73
C MET A 284 4.49 5.94 -8.80
N SER A 285 5.67 6.28 -9.28
CA SER A 285 6.03 7.66 -9.54
C SER A 285 6.17 7.86 -11.05
N GLU A 286 5.64 8.99 -11.54
CA GLU A 286 5.80 9.36 -12.95
C GLU A 286 7.23 9.75 -13.29
N ASP A 287 8.06 9.98 -12.27
CA ASP A 287 9.45 10.38 -12.50
C ASP A 287 10.18 10.01 -11.21
N ILE A 288 10.61 8.76 -11.14
CA ILE A 288 11.17 8.27 -9.90
C ILE A 288 12.43 9.02 -9.56
N PHE A 289 13.04 9.70 -10.54
CA PHE A 289 14.24 10.47 -10.24
C PHE A 289 13.90 11.70 -9.44
N ARG A 290 12.89 12.46 -9.89
CA ARG A 290 12.47 13.61 -9.11
C ARG A 290 11.95 13.18 -7.74
N THR A 291 11.10 12.16 -7.69
CA THR A 291 10.57 11.68 -6.41
C THR A 291 11.69 11.36 -5.42
N LEU A 292 12.68 10.61 -5.87
CA LEU A 292 13.70 10.18 -4.94
C LEU A 292 14.61 11.32 -4.55
N ARG A 293 14.89 12.25 -5.47
CA ARG A 293 15.63 13.44 -5.08
C ARG A 293 14.88 14.20 -4.00
N GLU A 294 13.60 14.49 -4.24
CA GLU A 294 12.81 15.23 -3.25
C GLU A 294 12.72 14.48 -1.92
N MET A 295 12.44 13.18 -1.96
CA MET A 295 12.31 12.43 -0.71
C MET A 295 13.62 12.39 0.05
N ARG A 296 14.74 12.20 -0.67
CA ARG A 296 16.04 12.07 -0.01
C ARG A 296 16.46 13.39 0.62
N LYS A 297 16.18 14.51 -0.04
CA LYS A 297 16.43 15.82 0.55
C LYS A 297 15.79 15.99 1.91
N ARG A 298 14.74 15.22 2.19
CA ARG A 298 13.92 15.43 3.37
C ARG A 298 14.00 14.31 4.39
N SER A 299 14.67 13.22 4.07
CA SER A 299 14.86 12.12 5.00
C SER A 299 15.14 12.59 6.43
N SER A 300 16.17 13.42 6.62
CA SER A 300 16.64 13.76 7.95
C SER A 300 16.00 15.04 8.50
N ILE A 301 15.05 15.62 7.79
CA ILE A 301 14.29 16.76 8.31
C ILE A 301 12.79 16.44 8.36
N GLY A 302 12.45 15.23 8.81
CA GLY A 302 11.07 14.84 9.00
C GLY A 302 10.56 13.81 8.01
N GLY A 303 11.31 13.54 6.93
CA GLY A 303 10.88 12.61 5.90
C GLY A 303 11.10 11.16 6.26
N PHE A 304 11.36 10.36 5.24
CA PHE A 304 11.58 8.93 5.41
C PHE A 304 13.01 8.58 5.07
N ASP A 305 13.59 7.69 5.87
CA ASP A 305 14.88 7.12 5.56
C ASP A 305 14.74 6.04 4.51
N PHE A 306 15.78 5.88 3.69
CA PHE A 306 15.79 4.81 2.72
C PHE A 306 16.71 3.68 3.18
N MET A 307 16.46 2.48 2.64
CA MET A 307 17.29 1.33 2.93
C MET A 307 18.70 1.55 2.39
N PRO A 308 19.69 0.84 2.93
CA PRO A 308 21.07 1.03 2.47
C PRO A 308 21.21 0.85 0.97
N SER A 309 22.05 1.69 0.37
CA SER A 309 22.30 1.58 -1.06
C SER A 309 23.01 0.25 -1.36
N PRO A 310 22.84 -0.25 -2.59
CA PRO A 310 23.63 -1.42 -3.02
C PRO A 310 25.05 -0.99 -3.35
N PRO A 311 26.00 -1.93 -3.40
CA PRO A 311 27.38 -1.56 -3.72
C PRO A 311 27.49 -1.12 -5.16
N PRO A 312 28.53 -0.34 -5.49
CA PRO A 312 28.69 0.13 -6.88
C PRO A 312 28.79 -1.00 -7.89
N THR A 313 29.32 -2.15 -7.48
CA THR A 313 29.33 -3.34 -8.33
C THR A 313 27.95 -3.54 -8.95
N TYR A 314 26.88 -3.31 -8.18
CA TYR A 314 25.53 -3.41 -8.72
C TYR A 314 25.32 -2.46 -9.89
N TYR A 315 25.88 -1.25 -9.80
CA TYR A 315 25.66 -0.28 -10.86
C TYR A 315 26.64 -0.46 -12.00
N GLN A 316 27.85 -0.94 -11.71
CA GLN A 316 28.73 -1.40 -12.78
C GLN A 316 28.02 -2.44 -13.63
N ASN A 317 27.45 -3.48 -12.99
CA ASN A 317 26.76 -4.53 -13.72
C ASN A 317 25.48 -4.07 -14.39
N LEU A 318 24.96 -2.89 -14.01
CA LEU A 318 23.68 -2.47 -14.57
C LEU A 318 23.76 -2.31 -16.08
N LYS A 319 24.90 -1.87 -16.61
CA LYS A 319 25.06 -1.71 -18.05
C LYS A 319 24.76 -3.02 -18.79
N LYS A 320 25.24 -4.14 -18.25
CA LYS A 320 25.04 -5.43 -18.91
C LYS A 320 23.56 -5.82 -18.97
N ARG A 321 22.79 -5.48 -17.95
CA ARG A 321 21.41 -5.95 -17.87
C ARG A 321 20.43 -5.02 -18.57
N VAL A 322 20.69 -3.72 -18.57
CA VAL A 322 19.67 -2.74 -18.88
C VAL A 322 20.24 -1.68 -19.80
N GLY A 323 21.33 -2.01 -20.49
CA GLY A 323 22.00 -1.05 -21.34
C GLY A 323 21.16 -0.57 -22.51
N ASP A 324 20.29 -1.42 -23.03
CA ASP A 324 19.42 -1.06 -24.14
C ASP A 324 18.19 -0.27 -23.69
N VAL A 325 18.11 0.11 -22.41
CA VAL A 325 16.93 0.75 -21.82
C VAL A 325 17.26 2.10 -21.22
N LEU A 326 18.24 2.14 -20.32
CA LEU A 326 18.67 3.37 -19.66
C LEU A 326 20.04 3.77 -20.17
N SER A 327 20.21 5.05 -20.46
CA SER A 327 21.52 5.53 -20.89
C SER A 327 22.50 5.45 -19.73
N ASP A 328 23.77 5.70 -20.05
CA ASP A 328 24.79 5.77 -19.00
C ASP A 328 24.46 6.87 -18.00
N ASP A 329 24.03 8.03 -18.49
CA ASP A 329 23.67 9.12 -17.59
C ASP A 329 22.47 8.78 -16.70
N GLN A 330 21.43 8.18 -17.30
CA GLN A 330 20.28 7.73 -16.51
C GLN A 330 20.70 6.70 -15.46
N ILE A 331 21.48 5.69 -15.87
CA ILE A 331 21.99 4.72 -14.92
C ILE A 331 22.84 5.40 -13.86
N LYS A 332 23.62 6.42 -14.26
CA LYS A 332 24.36 7.21 -13.28
C LYS A 332 23.42 7.78 -12.22
N GLU A 333 22.29 8.35 -12.67
CA GLU A 333 21.31 8.88 -11.73
C GLU A 333 20.84 7.80 -10.76
N CYS A 334 20.59 6.58 -11.26
CA CYS A 334 20.19 5.48 -10.38
C CYS A 334 21.18 5.29 -9.24
N GLU A 335 22.48 5.35 -9.52
CA GLU A 335 23.42 5.04 -8.44
C GLU A 335 23.56 6.19 -7.46
N GLU A 336 23.34 7.43 -7.92
CA GLU A 336 23.26 8.53 -6.99
C GLU A 336 22.13 8.31 -5.96
N LEU A 337 20.98 7.85 -6.43
CA LEU A 337 19.81 7.71 -5.58
C LEU A 337 19.67 6.34 -4.94
N GLY A 338 20.55 5.39 -5.26
CA GLY A 338 20.37 4.06 -4.73
C GLY A 338 19.21 3.31 -5.33
N ILE A 339 18.79 3.67 -6.55
CA ILE A 339 17.65 3.04 -7.19
C ILE A 339 18.04 1.66 -7.70
N LEU A 340 17.17 0.68 -7.48
CA LEU A 340 17.38 -0.65 -8.02
C LEU A 340 16.67 -0.79 -9.36
N VAL A 341 17.15 -1.72 -10.19
CA VAL A 341 16.58 -1.94 -11.52
C VAL A 341 16.47 -3.42 -11.78
N ASP A 342 15.27 -3.87 -12.14
CA ASP A 342 15.03 -5.23 -12.59
C ASP A 342 14.28 -5.17 -13.92
N ARG A 343 14.19 -6.32 -14.59
CA ARG A 343 13.41 -6.41 -15.81
C ARG A 343 13.09 -7.87 -16.09
N ASP A 344 11.93 -8.08 -16.71
CA ASP A 344 11.56 -9.42 -17.19
C ASP A 344 11.43 -9.40 -18.70
N ASP A 345 10.65 -10.35 -19.24
CA ASP A 345 10.55 -10.49 -20.68
C ASP A 345 9.76 -9.34 -21.29
N GLN A 346 8.79 -8.79 -20.56
CA GLN A 346 7.91 -7.75 -21.11
C GLN A 346 8.43 -6.34 -20.87
N GLY A 347 8.92 -6.05 -19.67
CA GLY A 347 9.28 -4.69 -19.31
C GLY A 347 10.41 -4.57 -18.32
N THR A 348 10.69 -3.32 -17.90
CA THR A 348 11.81 -3.00 -17.02
C THR A 348 11.31 -2.18 -15.84
N LEU A 349 11.73 -2.54 -14.64
CA LEU A 349 11.23 -1.95 -13.41
C LEU A 349 12.34 -1.23 -12.63
N LEU A 350 12.10 0.03 -12.27
CA LEU A 350 12.95 0.76 -11.33
C LEU A 350 12.30 0.81 -9.95
N GLN A 351 13.10 0.58 -8.90
CA GLN A 351 12.50 0.46 -7.58
C GLN A 351 13.50 0.86 -6.50
N ILE A 352 12.97 1.36 -5.39
CA ILE A 352 13.75 1.61 -4.18
C ILE A 352 12.84 1.47 -2.96
N PHE A 353 13.45 1.17 -1.81
CA PHE A 353 12.70 0.84 -0.61
C PHE A 353 13.07 1.75 0.54
N THR A 354 12.06 2.28 1.22
CA THR A 354 12.27 3.03 2.45
C THR A 354 12.55 2.10 3.61
N LYS A 355 13.29 2.63 4.59
CA LYS A 355 13.35 2.02 5.91
C LYS A 355 11.95 2.00 6.50
N PRO A 356 11.72 1.26 7.60
CA PRO A 356 10.38 1.22 8.21
C PRO A 356 9.80 2.61 8.43
N LEU A 357 8.47 2.69 8.34
CA LEU A 357 7.72 3.94 8.44
C LEU A 357 7.46 4.37 9.87
N GLY A 358 7.64 3.49 10.84
CA GLY A 358 7.43 3.90 12.21
C GLY A 358 8.31 3.12 13.16
N ASP A 359 7.89 3.02 14.42
CA ASP A 359 8.73 2.43 15.45
C ASP A 359 9.17 1.01 15.09
N ARG A 360 8.19 0.15 14.56
CA ARG A 360 8.51 -1.26 14.46
C ARG A 360 9.10 -1.59 13.08
N PRO A 361 10.01 -2.59 13.03
CA PRO A 361 10.57 -3.05 11.75
C PRO A 361 9.56 -3.87 10.97
N THR A 362 8.46 -3.24 10.60
CA THR A 362 7.35 -3.95 9.99
C THR A 362 7.08 -3.39 8.59
N ILE A 363 6.28 -2.31 8.51
CA ILE A 363 5.79 -1.83 7.24
C ILE A 363 6.75 -0.81 6.66
N PHE A 364 6.92 -0.86 5.34
CA PHE A 364 7.78 0.07 4.64
C PHE A 364 7.12 0.41 3.31
N ILE A 365 7.80 1.24 2.52
CA ILE A 365 7.25 1.78 1.28
C ILE A 365 8.25 1.56 0.17
N GLU A 366 7.76 1.27 -1.03
CA GLU A 366 8.57 1.11 -2.23
C GLU A 366 8.16 2.20 -3.22
N ILE A 367 9.13 2.82 -3.87
CA ILE A 367 8.88 3.72 -4.98
C ILE A 367 9.22 2.97 -6.26
N ILE A 368 8.29 2.96 -7.21
CA ILE A 368 8.54 2.24 -8.46
C ILE A 368 8.18 3.09 -9.66
N GLN A 369 8.88 2.82 -10.76
CA GLN A 369 8.49 3.27 -12.08
C GLN A 369 8.78 2.16 -13.07
N ARG A 370 7.80 1.92 -13.97
CA ARG A 370 7.86 0.83 -14.93
C ARG A 370 8.02 1.37 -16.36
N VAL A 371 8.93 0.77 -17.12
CA VAL A 371 9.14 1.13 -18.51
C VAL A 371 8.67 -0.04 -19.38
N GLY A 372 7.73 0.25 -20.28
CA GLY A 372 7.30 -0.74 -21.26
C GLY A 372 5.82 -1.09 -21.30
N CYS A 373 5.53 -2.26 -21.85
CA CYS A 373 4.18 -2.82 -21.97
C CYS A 373 3.16 -1.76 -22.36
N MET A 374 3.49 -0.99 -23.39
CA MET A 374 2.60 0.06 -23.86
C MET A 374 1.62 -0.50 -24.89
N MET A 375 0.34 -0.23 -24.69
CA MET A 375 -0.71 -0.58 -25.62
C MET A 375 -1.74 0.54 -25.64
N TYR A 383 -1.82 3.41 -22.93
CA TYR A 383 -1.84 2.90 -21.57
C TYR A 383 -0.80 1.78 -21.35
N GLN A 384 -0.40 1.55 -20.10
CA GLN A 384 0.60 0.56 -19.75
C GLN A 384 -0.03 -0.57 -18.97
N SER A 385 0.34 -1.80 -19.27
CA SER A 385 -0.29 -2.92 -18.60
C SER A 385 0.27 -3.07 -17.19
N GLY A 386 -0.62 -3.42 -16.26
CA GLY A 386 -0.26 -3.45 -14.86
C GLY A 386 0.81 -4.48 -14.58
N GLY A 387 1.72 -4.13 -13.67
CA GLY A 387 2.77 -5.05 -13.29
C GLY A 387 3.87 -5.18 -14.31
N CYS A 388 3.97 -4.26 -15.26
CA CYS A 388 4.93 -4.37 -16.33
C CYS A 388 6.35 -4.52 -15.80
N GLY A 389 6.96 -5.69 -16.01
CA GLY A 389 8.32 -5.91 -15.60
C GLY A 389 8.47 -6.62 -14.27
N GLY A 390 7.38 -6.90 -13.58
CA GLY A 390 7.44 -7.77 -12.42
C GLY A 390 7.52 -6.99 -11.13
N PHE A 391 8.21 -7.55 -10.15
CA PHE A 391 8.24 -6.94 -8.83
C PHE A 391 9.62 -6.90 -8.22
N GLY A 392 10.64 -7.37 -8.94
CA GLY A 392 12.02 -7.23 -8.52
C GLY A 392 12.66 -8.49 -8.03
N LYS A 393 12.07 -9.66 -8.25
CA LYS A 393 12.63 -10.86 -7.64
C LYS A 393 14.03 -11.15 -8.19
N GLY A 394 14.32 -10.70 -9.41
CA GLY A 394 15.68 -10.83 -9.91
C GLY A 394 16.69 -10.09 -9.08
N ASN A 395 16.26 -9.02 -8.39
CA ASN A 395 17.16 -8.19 -7.63
C ASN A 395 17.64 -8.85 -6.34
N PHE A 396 16.91 -9.83 -5.80
CA PHE A 396 17.50 -10.66 -4.76
C PHE A 396 18.79 -11.29 -5.27
N SER A 397 18.75 -11.88 -6.47
CA SER A 397 19.93 -12.52 -7.03
C SER A 397 21.03 -11.51 -7.35
N GLU A 398 20.66 -10.39 -7.99
CA GLU A 398 21.64 -9.40 -8.39
C GLU A 398 22.33 -8.74 -7.20
N LEU A 399 21.71 -8.73 -6.02
CA LEU A 399 22.34 -8.10 -4.87
C LEU A 399 23.34 -9.04 -4.19
N PHE A 400 22.96 -10.31 -3.98
CA PHE A 400 23.91 -11.27 -3.44
C PHE A 400 25.19 -11.27 -4.26
N LYS A 401 25.05 -11.56 -5.57
CA LYS A 401 26.20 -11.49 -6.48
C LYS A 401 26.83 -10.10 -6.49
N SER A 402 26.05 -9.05 -6.23
CA SER A 402 26.60 -7.69 -6.24
C SER A 402 27.66 -7.53 -5.17
N ILE A 403 27.36 -7.82 -3.95
CA ILE A 403 28.31 -7.65 -2.91
C ILE A 403 29.48 -8.68 -3.20
N GLU A 404 29.08 -9.83 -3.65
CA GLU A 404 29.94 -10.93 -3.84
C GLU A 404 31.22 -10.49 -4.50
N GLU A 405 31.13 -9.77 -5.60
CA GLU A 405 32.34 -9.24 -6.20
C GLU A 405 32.76 -7.99 -5.47
N TYR A 406 31.81 -7.24 -4.97
CA TYR A 406 32.28 -6.04 -4.29
C TYR A 406 33.32 -6.38 -3.23
N GLU A 407 32.99 -7.34 -2.35
CA GLU A 407 33.96 -7.87 -1.40
C GLU A 407 35.30 -8.11 -2.07
N LYS A 408 35.30 -8.88 -3.16
CA LYS A 408 36.44 -8.98 -4.06
C LYS A 408 37.67 -9.49 -3.33
C10 A1LWP B . 8.80 -9.05 -2.93
C13 A1LWP B . 6.33 -9.12 -4.59
C21 A1LWP B . 12.46 -5.66 0.21
C22 A1LWP B . 12.92 -6.11 1.60
C24 A1LWP B . 13.69 -5.63 3.88
C01 A1LWP B . 10.90 -6.74 -3.51
C02 A1LWP B . 11.68 -7.16 -4.58
C03 A1LWP B . 13.06 -7.14 -4.41
C04 A1LWP B . 13.60 -6.70 -3.20
C05 A1LWP B . 12.82 -6.28 -2.13
C06 A1LWP B . 11.45 -6.31 -2.31
C07 A1LWP B . 9.38 -6.72 -3.62
C08 A1LWP B . 8.51 -7.97 -3.64
C11 A1LWP B . 7.88 -10.27 -3.03
C12 A1LWP B . 7.23 -10.32 -4.40
C14 A1LWP B . 7.08 -7.85 -4.21
C18 A1LWP B . 15.86 -5.48 -1.83
C19 A1LWP B . 14.83 -5.39 -0.72
C23 A1LWP B . 13.22 -5.19 2.50
C25 A1LWP B . 13.11 -3.70 2.16
N20 A1LWP B . 13.42 -5.79 -0.87
O09 A1LWP B . 8.86 -5.65 -3.73
O15 A1LWP B . 10.10 -9.28 -2.46
O16 A1LWP B . 6.55 -6.79 -4.34
O26 A1LWP B . 15.24 -4.98 0.32
S17 A1LWP B . 15.41 -6.71 -3.08
CO CO C . 7.16 -4.67 -4.16
#